data_2KFZ
#
_entry.id   2KFZ
#
_cell.length_a   102.900
_cell.length_b   102.900
_cell.length_c   86.400
_cell.angle_alpha   90.00
_cell.angle_beta   90.00
_cell.angle_gamma   90.00
#
_symmetry.space_group_name_H-M   'P 43'
#
loop_
_entity.id
_entity.type
_entity.pdbx_description
1 polymer "5'-D(*GP*CP*TP*TP*AP*(US1)P*G)-3'"
2 polymer 'KLENOW FRAGMENT OF DNA POLYMERASE I'
3 non-polymer 'ZINC ION'
4 non-polymer 'MAGNESIUM ION'
5 water water
#
loop_
_entity_poly.entity_id
_entity_poly.type
_entity_poly.pdbx_seq_one_letter_code
_entity_poly.pdbx_strand_id
1 'polydeoxyribonucleotide' (DG)(DC)(DT)(DT)(DA)(US1)(DG) B
2 'polypeptide(L)'
;MISYDNYVTILDEETLKAWIAKLEKAPVFAFDTETDSLDNISANLVGLSFAIEPGVAAYIPVAHDYLDAPDQISRERALE
LLKPLLEDEKALKVGQNLKYDRGILANYGIELRGIAFDTMLESYILNSVAGRHDMDSLAERWLKHKTITFEEIAGKGKNQ
LTFNQIALEEAGRYAAEDADVTLQLHLKMWPDLQKHKGPLNVFENIEMPLVPVLSRIERNGVKIDPKVLHNHSEELTLRL
AELEKKAHEIAGEEFNLSSTKQLQTILFEKQGIKPLKKTPGGAPSTSEEVLEELALDYPLPKVILEYRGLAKLKSTYTDK
LPLMINPKTGRVHTSYHQAVTATGRLSSTDPNLQNIPVRNEEGRRIRQAFIAPEDYVIVSADYSQIELRIMAHLSRDKGL
LTAFAEGKDIHRATAAEVFGLPLETVTSEQRRSAKAINFGLIYGMSAFGLARQLNIPRKEAQKYMDLYFERYPGVLEYME
RTRAQAKEQGYVETLDGRRLYLPDIKSSNGARRAAAERAAINAPMQGTAADIIKRAMIAVDAWLQAEQPRVRMIMQVHDE
LVFEVHKDDVDAVAKQIHQLMENCTRLDVPLLVEVGSGENWDQAH
;
A
#
loop_
_chem_comp.id
_chem_comp.type
_chem_comp.name
_chem_comp.formula
DA DNA linking 2'-DEOXYADENOSINE-5'-MONOPHOSPHATE 'C10 H14 N5 O6 P'
DC DNA linking 2'-DEOXYCYTIDINE-5'-MONOPHOSPHATE 'C9 H14 N3 O7 P'
DG DNA linking 2'-DEOXYGUANOSINE-5'-MONOPHOSPHATE 'C10 H14 N5 O7 P'
DT DNA linking THYMIDINE-5'-MONOPHOSPHATE 'C10 H15 N2 O8 P'
MG non-polymer 'MAGNESIUM ION' 'Mg 2'
US1 DNA linking '2'-DEOXY-3'-THIOURIDINE 5'-(DIHYDROGEN PHOSPHATE)' 'C9 H13 N2 O7 P S'
ZN non-polymer 'ZINC ION' 'Zn 2'
#
# COMPACT_ATOMS: atom_id res chain seq x y z
P US1 A 6 9.63 -5.14 12.35
O1P US1 A 6 9.69 -6.53 12.80
O2P US1 A 6 9.26 -4.09 13.31
O5' US1 A 6 11.06 -4.66 11.77
C5' US1 A 6 11.81 -5.25 10.67
C4' US1 A 6 12.79 -4.29 9.95
O4' US1 A 6 12.19 -3.30 9.11
C3' US1 A 6 13.54 -3.52 11.05
C2' US1 A 6 13.95 -2.27 10.31
C1' US1 A 6 12.59 -2.06 9.72
N1 US1 A 6 11.78 -0.93 10.17
C2 US1 A 6 11.25 -0.04 9.24
O2 US1 A 6 11.46 -0.14 8.03
N3 US1 A 6 10.49 0.99 9.81
C4 US1 A 6 10.24 1.16 11.20
O4 US1 A 6 9.57 2.09 11.65
C5 US1 A 6 10.85 0.18 12.05
C6 US1 A 6 11.58 -0.81 11.52
S US1 A 6 14.86 -4.45 11.67
N MET B 1 16.08 -13.74 30.89
CA MET B 1 16.76 -12.77 30.03
C MET B 1 17.43 -13.49 28.87
N ILE B 2 18.42 -12.81 28.28
CA ILE B 2 19.28 -13.26 27.19
C ILE B 2 20.55 -12.56 27.62
N SER B 3 21.60 -13.34 27.84
CA SER B 3 22.85 -12.81 28.31
C SER B 3 23.86 -12.78 27.18
N TYR B 4 25.12 -12.57 27.56
CA TYR B 4 26.22 -12.53 26.60
C TYR B 4 26.74 -13.95 26.32
N ASP B 5 26.15 -14.93 27.01
CA ASP B 5 26.53 -16.32 26.85
C ASP B 5 25.80 -16.99 25.68
N ASN B 6 24.63 -16.46 25.34
CA ASN B 6 23.81 -17.01 24.28
C ASN B 6 24.45 -17.00 22.90
N TYR B 7 24.84 -15.82 22.45
CA TYR B 7 25.37 -15.66 21.11
C TYR B 7 26.80 -15.15 21.06
N VAL B 8 27.52 -15.58 20.04
CA VAL B 8 28.91 -15.18 19.86
C VAL B 8 29.05 -13.86 19.12
N THR B 9 30.06 -13.08 19.52
CA THR B 9 30.36 -11.79 18.90
C THR B 9 31.65 -12.02 18.12
N ILE B 10 31.53 -12.06 16.79
CA ILE B 10 32.67 -12.30 15.89
C ILE B 10 33.52 -11.06 15.69
N LEU B 11 34.75 -11.12 16.19
CA LEU B 11 35.69 -10.01 16.12
C LEU B 11 36.95 -10.30 15.32
N ASP B 12 37.00 -11.44 14.65
CA ASP B 12 38.17 -11.78 13.85
C ASP B 12 37.79 -12.54 12.58
N GLU B 13 38.56 -12.31 11.53
CA GLU B 13 38.35 -12.93 10.22
C GLU B 13 38.25 -14.44 10.25
N GLU B 14 39.16 -15.06 11.00
CA GLU B 14 39.21 -16.52 11.09
C GLU B 14 37.88 -17.09 11.58
N THR B 15 37.28 -16.45 12.58
CA THR B 15 36.00 -16.88 13.11
C THR B 15 34.89 -16.62 12.11
N LEU B 16 34.96 -15.48 11.41
CA LEU B 16 33.99 -15.13 10.38
C LEU B 16 34.03 -16.18 9.27
N LYS B 17 35.23 -16.52 8.80
CA LYS B 17 35.38 -17.51 7.75
C LYS B 17 34.87 -18.88 8.19
N ALA B 18 35.02 -19.19 9.47
CA ALA B 18 34.53 -20.46 10.00
C ALA B 18 33.01 -20.48 9.83
N TRP B 19 32.36 -19.38 10.20
CA TRP B 19 30.91 -19.27 10.07
C TRP B 19 30.40 -19.27 8.64
N ILE B 20 31.09 -18.56 7.76
CA ILE B 20 30.71 -18.51 6.33
C ILE B 20 30.67 -19.94 5.76
N ALA B 21 31.63 -20.76 6.19
CA ALA B 21 31.73 -22.15 5.75
C ALA B 21 30.51 -22.95 6.22
N LYS B 22 30.10 -22.73 7.47
CA LYS B 22 28.92 -23.42 8.00
C LYS B 22 27.64 -22.89 7.33
N LEU B 23 27.62 -21.60 7.02
CA LEU B 23 26.47 -20.94 6.37
C LEU B 23 26.31 -21.49 4.96
N GLU B 24 27.42 -21.76 4.29
CA GLU B 24 27.41 -22.29 2.93
C GLU B 24 26.75 -23.65 2.79
N LYS B 25 26.79 -24.48 3.83
CA LYS B 25 26.18 -25.78 3.73
C LYS B 25 24.88 -25.95 4.51
N ALA B 26 24.36 -24.84 5.02
CA ALA B 26 23.09 -24.89 5.75
C ALA B 26 21.95 -24.92 4.73
N PRO B 27 20.84 -25.61 5.03
CA PRO B 27 19.70 -25.68 4.09
C PRO B 27 19.07 -24.30 3.87
N VAL B 28 19.00 -23.53 4.94
CA VAL B 28 18.48 -22.15 4.93
C VAL B 28 19.16 -21.48 6.12
N PHE B 29 19.24 -20.15 6.10
CA PHE B 29 19.82 -19.46 7.23
C PHE B 29 19.18 -18.09 7.42
N ALA B 30 19.03 -17.67 8.67
CA ALA B 30 18.45 -16.37 8.95
C ALA B 30 19.57 -15.35 8.87
N PHE B 31 19.22 -14.18 8.36
CA PHE B 31 20.17 -13.10 8.18
C PHE B 31 19.53 -11.74 8.52
N ASP B 32 20.31 -10.85 9.13
CA ASP B 32 19.78 -9.56 9.53
C ASP B 32 20.88 -8.49 9.51
N THR B 33 20.50 -7.23 9.27
CA THR B 33 21.47 -6.13 9.26
C THR B 33 21.10 -5.09 10.31
N GLU B 34 22.10 -4.40 10.82
CA GLU B 34 21.90 -3.35 11.82
C GLU B 34 22.52 -2.07 11.22
N THR B 35 21.84 -0.94 11.37
CA THR B 35 22.30 0.32 10.80
C THR B 35 22.18 1.51 11.77
N ASP B 36 22.65 2.68 11.33
CA ASP B 36 22.55 3.88 12.17
C ASP B 36 21.32 4.74 11.86
N SER B 37 20.38 4.22 11.06
CA SER B 37 19.19 4.98 10.69
C SER B 37 18.11 4.15 10.01
N LEU B 38 16.86 4.58 10.19
CA LEU B 38 15.73 3.91 9.55
C LEU B 38 15.68 4.31 8.07
N ASP B 39 16.31 5.44 7.73
CA ASP B 39 16.34 5.91 6.35
C ASP B 39 17.29 5.04 5.52
N ASN B 40 16.69 4.19 4.71
CA ASN B 40 17.40 3.24 3.87
C ASN B 40 18.50 3.80 2.96
N ILE B 41 18.19 4.87 2.23
CA ILE B 41 19.18 5.44 1.30
C ILE B 41 20.43 6.03 1.99
N SER B 42 20.26 6.63 3.16
CA SER B 42 21.40 7.25 3.84
C SER B 42 21.93 6.51 5.07
N ALA B 43 21.32 5.38 5.42
CA ALA B 43 21.78 4.61 6.57
C ALA B 43 23.12 3.95 6.31
N ASN B 44 23.90 3.78 7.37
CA ASN B 44 25.19 3.11 7.28
C ASN B 44 25.08 1.79 8.02
N LEU B 45 25.62 0.74 7.43
CA LEU B 45 25.60 -0.58 8.04
C LEU B 45 26.54 -0.57 9.22
N VAL B 46 26.01 -0.93 10.39
CA VAL B 46 26.79 -0.98 11.62
C VAL B 46 27.21 -2.43 11.95
N GLY B 47 26.39 -3.38 11.53
CA GLY B 47 26.70 -4.78 11.78
C GLY B 47 25.75 -5.74 11.12
N LEU B 48 26.08 -7.03 11.19
CA LEU B 48 25.26 -8.10 10.61
C LEU B 48 25.15 -9.28 11.58
N SER B 49 24.03 -9.99 11.51
CA SER B 49 23.81 -11.17 12.35
C SER B 49 23.28 -12.34 11.51
N PHE B 50 23.62 -13.57 11.89
CA PHE B 50 23.20 -14.77 11.17
C PHE B 50 22.78 -15.83 12.18
N ALA B 51 21.96 -16.76 11.72
CA ALA B 51 21.50 -17.88 12.56
C ALA B 51 21.44 -19.12 11.66
N ILE B 52 22.20 -20.16 12.00
CA ILE B 52 22.21 -21.40 11.20
C ILE B 52 21.30 -22.47 11.76
N GLU B 53 20.90 -22.31 13.01
CA GLU B 53 20.12 -23.33 13.67
C GLU B 53 19.51 -22.67 14.90
N PRO B 54 18.36 -23.16 15.35
CA PRO B 54 17.73 -22.56 16.54
C PRO B 54 18.71 -22.56 17.72
N GLY B 55 19.05 -21.37 18.20
CA GLY B 55 19.95 -21.24 19.33
C GLY B 55 21.41 -21.03 18.96
N VAL B 56 21.71 -21.13 17.68
CA VAL B 56 23.08 -20.95 17.20
C VAL B 56 23.10 -19.74 16.27
N ALA B 57 23.43 -18.58 16.83
CA ALA B 57 23.47 -17.35 16.06
C ALA B 57 24.65 -16.48 16.46
N ALA B 58 25.05 -15.57 15.56
CA ALA B 58 26.19 -14.69 15.81
C ALA B 58 26.01 -13.25 15.32
N TYR B 59 26.73 -12.34 15.96
CA TYR B 59 26.71 -10.93 15.59
C TYR B 59 28.12 -10.49 15.19
N ILE B 60 28.22 -9.82 14.05
CA ILE B 60 29.49 -9.33 13.53
C ILE B 60 29.44 -7.78 13.49
N PRO B 61 30.03 -7.11 14.50
CA PRO B 61 30.02 -5.64 14.52
C PRO B 61 31.08 -5.14 13.55
N VAL B 62 30.75 -4.15 12.73
CA VAL B 62 31.74 -3.61 11.79
C VAL B 62 31.96 -2.11 11.94
N ALA B 63 30.97 -1.39 12.43
CA ALA B 63 31.11 0.06 12.58
C ALA B 63 30.67 0.70 13.90
N HIS B 64 30.96 0.08 15.03
CA HIS B 64 30.63 0.67 16.32
C HIS B 64 31.79 1.62 16.61
N ASP B 65 31.47 2.87 16.91
CA ASP B 65 32.53 3.86 17.11
C ASP B 65 32.47 4.70 18.36
N TYR B 66 31.91 4.14 19.42
CA TYR B 66 31.85 4.86 20.68
C TYR B 66 33.28 4.93 21.21
N LEU B 67 33.49 5.79 22.21
CA LEU B 67 34.79 5.99 22.80
C LEU B 67 35.34 4.65 23.30
N ASP B 68 36.53 4.30 22.82
CA ASP B 68 37.21 3.05 23.18
C ASP B 68 36.57 1.73 22.73
N ALA B 69 35.78 1.78 21.67
CA ALA B 69 35.16 0.57 21.13
C ALA B 69 36.30 -0.36 20.72
N PRO B 70 36.17 -1.66 21.00
CA PRO B 70 37.19 -2.68 20.66
C PRO B 70 37.37 -2.85 19.15
N ASP B 71 38.53 -3.37 18.73
CA ASP B 71 38.78 -3.60 17.31
C ASP B 71 37.71 -4.52 16.74
N GLN B 72 37.27 -4.22 15.53
CA GLN B 72 36.25 -4.99 14.85
C GLN B 72 36.70 -5.23 13.43
N ILE B 73 36.15 -6.24 12.78
CA ILE B 73 36.50 -6.50 11.38
C ILE B 73 35.96 -5.25 10.67
N SER B 74 36.70 -4.70 9.70
CA SER B 74 36.24 -3.49 9.00
C SER B 74 35.05 -3.79 8.11
N ARG B 75 34.18 -2.80 7.94
CA ARG B 75 32.98 -2.97 7.12
C ARG B 75 33.32 -3.47 5.72
N GLU B 76 34.39 -2.96 5.15
CA GLU B 76 34.81 -3.35 3.82
C GLU B 76 35.31 -4.79 3.73
N ARG B 77 36.09 -5.22 4.72
CA ARG B 77 36.60 -6.58 4.75
C ARG B 77 35.51 -7.62 5.02
N ALA B 78 34.56 -7.27 5.88
CA ALA B 78 33.47 -8.17 6.21
C ALA B 78 32.55 -8.36 5.02
N LEU B 79 32.28 -7.27 4.29
CA LEU B 79 31.42 -7.34 3.13
C LEU B 79 32.03 -8.07 1.93
N GLU B 80 33.35 -7.99 1.75
CA GLU B 80 33.97 -8.69 0.63
C GLU B 80 34.04 -10.20 0.89
N LEU B 81 34.15 -10.59 2.16
CA LEU B 81 34.18 -12.01 2.50
C LEU B 81 32.76 -12.58 2.47
N LEU B 82 31.77 -11.75 2.83
CA LEU B 82 30.36 -12.15 2.86
C LEU B 82 29.62 -12.00 1.53
N LYS B 83 30.15 -11.15 0.64
CA LYS B 83 29.52 -10.89 -0.65
C LYS B 83 29.13 -12.11 -1.49
N PRO B 84 30.06 -13.06 -1.71
CA PRO B 84 29.74 -14.25 -2.51
C PRO B 84 28.51 -15.00 -1.99
N LEU B 85 28.45 -15.23 -0.68
CA LEU B 85 27.34 -15.93 -0.05
C LEU B 85 26.02 -15.17 -0.19
N LEU B 86 26.07 -13.85 -0.02
CA LEU B 86 24.89 -13.01 -0.12
C LEU B 86 24.35 -12.89 -1.55
N GLU B 87 25.25 -12.88 -2.52
CA GLU B 87 24.85 -12.76 -3.93
C GLU B 87 24.54 -14.09 -4.60
N ASP B 88 24.62 -15.18 -3.84
CA ASP B 88 24.35 -16.51 -4.37
C ASP B 88 22.86 -16.84 -4.26
N GLU B 89 22.19 -16.94 -5.42
CA GLU B 89 20.77 -17.25 -5.49
C GLU B 89 20.46 -18.63 -4.88
N LYS B 90 21.46 -19.51 -4.88
CA LYS B 90 21.30 -20.86 -4.34
C LYS B 90 21.35 -20.89 -2.81
N ALA B 91 22.01 -19.89 -2.20
CA ALA B 91 22.08 -19.81 -0.74
C ALA B 91 20.80 -19.13 -0.27
N LEU B 92 19.88 -19.92 0.27
CA LEU B 92 18.59 -19.41 0.72
C LEU B 92 18.57 -18.71 2.06
N LYS B 93 18.07 -17.47 2.04
CA LYS B 93 17.98 -16.65 3.24
C LYS B 93 16.55 -16.47 3.78
N VAL B 94 16.48 -16.33 5.10
CA VAL B 94 15.25 -16.12 5.84
C VAL B 94 15.47 -14.78 6.58
N GLY B 95 14.44 -13.95 6.67
CA GLY B 95 14.58 -12.68 7.37
C GLY B 95 13.25 -12.02 7.65
N GLN B 96 13.25 -11.04 8.55
CA GLN B 96 12.04 -10.28 8.91
C GLN B 96 12.13 -8.93 8.17
N ASN B 97 11.27 -8.75 7.17
CA ASN B 97 11.26 -7.52 6.36
C ASN B 97 12.60 -7.39 5.61
N LEU B 98 12.83 -8.35 4.72
CA LEU B 98 14.02 -8.44 3.90
C LEU B 98 14.15 -7.27 2.91
N LYS B 99 13.05 -6.55 2.69
CA LYS B 99 13.07 -5.39 1.78
C LYS B 99 14.09 -4.40 2.28
N TYR B 100 14.09 -4.18 3.59
CA TYR B 100 15.01 -3.25 4.22
C TYR B 100 16.47 -3.72 4.11
N ASP B 101 16.71 -5.00 4.37
CA ASP B 101 18.07 -5.56 4.33
C ASP B 101 18.67 -5.59 2.94
N ARG B 102 17.84 -5.84 1.94
CA ARG B 102 18.27 -5.88 0.55
C ARG B 102 18.78 -4.48 0.16
N GLY B 103 18.06 -3.45 0.59
CA GLY B 103 18.43 -2.07 0.29
C GLY B 103 19.75 -1.63 0.90
N ILE B 104 19.94 -1.94 2.18
CA ILE B 104 21.17 -1.59 2.88
C ILE B 104 22.39 -2.16 2.15
N LEU B 105 22.31 -3.42 1.71
CA LEU B 105 23.40 -4.06 1.01
C LEU B 105 23.66 -3.41 -0.34
N ALA B 106 22.59 -2.92 -0.95
CA ALA B 106 22.67 -2.26 -2.24
C ALA B 106 23.46 -0.96 -2.11
N ASN B 107 23.55 -0.40 -0.90
CA ASN B 107 24.33 0.82 -0.66
C ASN B 107 25.84 0.52 -0.82
N TYR B 108 26.20 -0.76 -0.85
CA TYR B 108 27.61 -1.15 -0.98
C TYR B 108 27.88 -1.98 -2.23
N GLY B 109 27.02 -1.84 -3.23
CA GLY B 109 27.18 -2.57 -4.48
C GLY B 109 26.96 -4.07 -4.38
N ILE B 110 26.16 -4.51 -3.41
CA ILE B 110 25.87 -5.92 -3.22
C ILE B 110 24.41 -6.23 -3.58
N GLU B 111 24.21 -7.25 -4.41
CA GLU B 111 22.87 -7.69 -4.83
C GLU B 111 22.44 -8.96 -4.09
N LEU B 112 21.65 -8.76 -3.04
CA LEU B 112 21.14 -9.86 -2.23
C LEU B 112 20.22 -10.76 -3.05
N ARG B 113 20.62 -12.02 -3.19
CA ARG B 113 19.81 -12.99 -3.92
C ARG B 113 19.47 -14.13 -2.97
N GLY B 114 18.57 -15.02 -3.39
CA GLY B 114 18.16 -16.11 -2.53
C GLY B 114 17.22 -15.58 -1.45
N ILE B 115 16.50 -14.51 -1.78
CA ILE B 115 15.54 -13.90 -0.86
C ILE B 115 14.31 -14.82 -0.90
N ALA B 116 14.43 -15.95 -0.20
CA ALA B 116 13.38 -16.98 -0.21
C ALA B 116 12.26 -16.87 0.81
N PHE B 117 12.57 -16.48 2.05
CA PHE B 117 11.54 -16.41 3.07
C PHE B 117 11.59 -15.14 3.89
N ASP B 118 10.42 -14.56 4.10
CA ASP B 118 10.29 -13.35 4.90
C ASP B 118 9.20 -13.66 5.92
N THR B 119 9.58 -13.80 7.18
CA THR B 119 8.64 -14.13 8.23
C THR B 119 7.47 -13.16 8.36
N MET B 120 7.69 -11.90 7.97
CA MET B 120 6.63 -10.90 8.02
C MET B 120 5.53 -11.30 7.04
N LEU B 121 5.96 -11.69 5.84
CA LEU B 121 5.05 -12.11 4.79
C LEU B 121 4.47 -13.51 5.00
N GLU B 122 5.18 -14.37 5.73
CA GLU B 122 4.70 -15.72 6.03
C GLU B 122 3.48 -15.54 6.90
N SER B 123 3.64 -14.70 7.92
CA SER B 123 2.57 -14.40 8.84
C SER B 123 1.38 -13.75 8.13
N TYR B 124 1.68 -12.81 7.24
CA TYR B 124 0.66 -12.07 6.50
C TYR B 124 -0.21 -12.95 5.60
N ILE B 125 0.42 -13.91 4.92
CA ILE B 125 -0.30 -14.82 4.04
C ILE B 125 -1.08 -15.88 4.83
N LEU B 126 -0.58 -16.24 6.00
CA LEU B 126 -1.25 -17.22 6.86
C LEU B 126 -2.61 -16.66 7.33
N ASN B 127 -2.62 -15.39 7.73
CA ASN B 127 -3.84 -14.72 8.18
C ASN B 127 -3.54 -13.23 8.34
N SER B 128 -3.89 -12.46 7.31
CA SER B 128 -3.66 -11.02 7.29
C SER B 128 -4.23 -10.25 8.47
N VAL B 129 -5.28 -10.79 9.11
CA VAL B 129 -5.89 -10.11 10.23
C VAL B 129 -5.66 -10.76 11.60
N ALA B 130 -4.70 -11.67 11.69
CA ALA B 130 -4.40 -12.34 12.95
C ALA B 130 -3.84 -11.38 13.99
N GLY B 131 -3.25 -10.28 13.53
CA GLY B 131 -2.68 -9.30 14.42
C GLY B 131 -1.54 -8.61 13.70
N ARG B 132 -0.64 -7.98 14.45
CA ARG B 132 0.50 -7.29 13.84
C ARG B 132 1.54 -8.31 13.39
N HIS B 133 2.17 -8.02 12.25
CA HIS B 133 3.15 -8.91 11.66
C HIS B 133 4.61 -8.54 11.85
N ASP B 134 4.90 -7.75 12.88
CA ASP B 134 6.25 -7.36 13.22
C ASP B 134 6.86 -8.48 14.07
N MET B 135 8.18 -8.52 14.15
CA MET B 135 8.81 -9.60 14.90
C MET B 135 8.42 -9.75 16.35
N ASP B 136 8.33 -8.65 17.09
CA ASP B 136 7.99 -8.70 18.50
C ASP B 136 6.62 -9.31 18.74
N SER B 137 5.66 -8.96 17.89
CA SER B 137 4.33 -9.51 18.01
C SER B 137 4.35 -10.98 17.60
N LEU B 138 5.11 -11.29 16.54
CA LEU B 138 5.21 -12.65 16.06
C LEU B 138 5.84 -13.61 17.07
N ALA B 139 6.96 -13.20 17.66
CA ALA B 139 7.66 -14.01 18.65
C ALA B 139 6.78 -14.34 19.84
N GLU B 140 5.90 -13.41 20.19
CA GLU B 140 5.00 -13.59 21.32
C GLU B 140 3.81 -14.46 20.97
N ARG B 141 3.35 -14.37 19.74
CA ARG B 141 2.20 -15.14 19.29
C ARG B 141 2.55 -16.61 19.04
N TRP B 142 3.60 -16.83 18.27
CA TRP B 142 4.05 -18.18 17.90
C TRP B 142 5.05 -18.88 18.81
N LEU B 143 5.84 -18.11 19.56
CA LEU B 143 6.87 -18.71 20.39
C LEU B 143 6.73 -18.44 21.89
N LYS B 144 5.74 -17.64 22.27
CA LYS B 144 5.54 -17.29 23.68
C LYS B 144 6.85 -16.75 24.23
N HIS B 145 7.52 -15.96 23.40
CA HIS B 145 8.82 -15.38 23.73
C HIS B 145 8.78 -13.88 23.53
N LYS B 146 9.22 -13.13 24.55
CA LYS B 146 9.27 -11.68 24.47
C LYS B 146 10.67 -11.21 24.09
N THR B 147 10.78 -10.66 22.88
CA THR B 147 12.04 -10.19 22.32
C THR B 147 12.57 -8.88 22.91
N ILE B 148 13.88 -8.68 22.80
CA ILE B 148 14.53 -7.46 23.28
C ILE B 148 14.10 -6.37 22.31
N THR B 149 13.56 -5.30 22.85
CA THR B 149 13.08 -4.19 22.06
C THR B 149 14.21 -3.19 21.75
N PHE B 150 14.12 -2.49 20.62
CA PHE B 150 15.16 -1.53 20.26
C PHE B 150 15.34 -0.47 21.36
N GLU B 151 14.23 -0.08 21.98
CA GLU B 151 14.23 0.91 23.06
C GLU B 151 15.03 0.42 24.26
N GLU B 152 15.05 -0.90 24.46
CA GLU B 152 15.77 -1.50 25.58
C GLU B 152 17.28 -1.32 25.50
N ILE B 153 17.83 -1.30 24.29
CA ILE B 153 19.26 -1.12 24.13
C ILE B 153 19.67 0.30 23.72
N ALA B 154 18.76 1.02 23.05
CA ALA B 154 19.08 2.37 22.57
C ALA B 154 18.52 3.53 23.39
N GLY B 155 17.42 3.29 24.10
CA GLY B 155 16.80 4.34 24.88
C GLY B 155 15.58 4.90 24.18
N LYS B 156 15.05 6.01 24.70
CA LYS B 156 13.86 6.66 24.14
C LYS B 156 14.08 8.17 24.00
N GLY B 157 13.20 8.83 23.25
CA GLY B 157 13.31 10.26 23.07
C GLY B 157 14.46 10.72 22.21
N LYS B 158 14.70 12.04 22.20
CA LYS B 158 15.77 12.63 21.40
C LYS B 158 17.16 12.15 21.79
N ASN B 159 17.34 11.80 23.06
CA ASN B 159 18.63 11.31 23.53
C ASN B 159 18.87 9.82 23.25
N GLN B 160 18.07 9.26 22.36
CA GLN B 160 18.17 7.86 22.00
C GLN B 160 19.44 7.63 21.19
N LEU B 161 20.13 6.53 21.49
CA LEU B 161 21.36 6.20 20.80
C LEU B 161 21.13 5.58 19.43
N THR B 162 22.11 5.71 18.54
CA THR B 162 22.04 5.06 17.24
C THR B 162 22.88 3.77 17.43
N PHE B 163 22.60 2.75 16.63
CA PHE B 163 23.30 1.47 16.77
C PHE B 163 24.83 1.47 16.95
N ASN B 164 25.51 2.37 16.23
CA ASN B 164 26.97 2.46 16.31
C ASN B 164 27.50 2.92 17.68
N GLN B 165 26.58 3.43 18.53
CA GLN B 165 26.93 3.93 19.86
C GLN B 165 26.74 2.91 20.96
N ILE B 166 26.00 1.86 20.66
CA ILE B 166 25.71 0.80 21.63
C ILE B 166 26.89 -0.15 21.79
N ALA B 167 27.14 -0.59 23.03
CA ALA B 167 28.24 -1.50 23.33
C ALA B 167 28.11 -2.79 22.50
N LEU B 168 29.25 -3.33 22.06
CA LEU B 168 29.29 -4.53 21.24
C LEU B 168 28.43 -5.70 21.71
N GLU B 169 28.55 -6.07 22.98
CA GLU B 169 27.79 -7.16 23.56
C GLU B 169 26.30 -6.89 23.66
N GLU B 170 25.94 -5.65 24.01
CA GLU B 170 24.52 -5.28 24.10
C GLU B 170 23.91 -5.36 22.72
N ALA B 171 24.62 -4.82 21.73
CA ALA B 171 24.18 -4.83 20.35
C ALA B 171 24.07 -6.29 19.88
N GLY B 172 25.01 -7.11 20.34
CA GLY B 172 25.00 -8.52 19.98
C GLY B 172 23.76 -9.25 20.47
N ARG B 173 23.39 -9.09 21.73
CA ARG B 173 22.19 -9.73 22.29
C ARG B 173 20.98 -9.45 21.40
N TYR B 174 20.77 -8.18 21.08
CA TYR B 174 19.65 -7.73 20.26
C TYR B 174 19.68 -8.27 18.83
N ALA B 175 20.81 -8.10 18.17
CA ALA B 175 20.97 -8.51 16.78
C ALA B 175 20.95 -10.02 16.55
N ALA B 176 21.63 -10.77 17.40
CA ALA B 176 21.67 -12.22 17.25
C ALA B 176 20.33 -12.86 17.64
N GLU B 177 19.60 -12.25 18.55
CA GLU B 177 18.28 -12.75 18.92
C GLU B 177 17.32 -12.58 17.74
N ASP B 178 17.43 -11.47 17.02
CA ASP B 178 16.58 -11.21 15.85
C ASP B 178 16.74 -12.33 14.83
N ALA B 179 17.99 -12.65 14.54
CA ALA B 179 18.34 -13.70 13.60
C ALA B 179 17.80 -15.06 14.06
N ASP B 180 18.04 -15.36 15.34
CA ASP B 180 17.62 -16.62 15.96
C ASP B 180 16.09 -16.78 15.94
N VAL B 181 15.39 -15.79 16.50
CA VAL B 181 13.94 -15.78 16.54
C VAL B 181 13.37 -15.88 15.13
N THR B 182 13.92 -15.12 14.19
CA THR B 182 13.44 -15.17 12.81
C THR B 182 13.49 -16.60 12.26
N LEU B 183 14.58 -17.31 12.54
CA LEU B 183 14.72 -18.69 12.06
C LEU B 183 13.69 -19.60 12.73
N GLN B 184 13.46 -19.41 14.03
CA GLN B 184 12.49 -20.21 14.75
C GLN B 184 11.07 -19.96 14.21
N LEU B 185 10.75 -18.69 13.95
CA LEU B 185 9.44 -18.32 13.43
C LEU B 185 9.22 -18.96 12.07
N HIS B 186 10.26 -19.00 11.25
CA HIS B 186 10.16 -19.62 9.92
C HIS B 186 9.90 -21.13 10.04
N LEU B 187 10.59 -21.76 10.99
CA LEU B 187 10.46 -23.20 11.22
C LEU B 187 9.06 -23.60 11.68
N LYS B 188 8.36 -22.68 12.34
CA LYS B 188 6.99 -22.94 12.77
C LYS B 188 5.94 -22.59 11.70
N MET B 189 6.15 -21.47 11.00
CA MET B 189 5.21 -21.02 9.97
C MET B 189 5.30 -21.68 8.62
N TRP B 190 6.51 -21.92 8.13
CA TRP B 190 6.68 -22.54 6.82
C TRP B 190 5.93 -23.88 6.68
N PRO B 191 5.97 -24.74 7.71
CA PRO B 191 5.26 -26.02 7.60
C PRO B 191 3.75 -25.79 7.46
N ASP B 192 3.23 -24.83 8.24
CA ASP B 192 1.81 -24.46 8.20
C ASP B 192 1.39 -23.90 6.84
N LEU B 193 2.25 -23.08 6.24
CA LEU B 193 1.96 -22.47 4.94
C LEU B 193 1.77 -23.45 3.80
N GLN B 194 1.89 -24.74 4.08
CA GLN B 194 1.74 -25.75 3.04
C GLN B 194 0.47 -26.58 3.11
N LYS B 195 -0.26 -26.41 4.20
CA LYS B 195 -1.53 -27.11 4.38
C LYS B 195 -2.53 -26.67 3.30
N HIS B 196 -2.18 -25.62 2.55
CA HIS B 196 -3.06 -25.10 1.51
C HIS B 196 -2.28 -24.53 0.32
N LYS B 197 -2.64 -24.97 -0.87
CA LYS B 197 -1.98 -24.53 -2.08
C LYS B 197 -2.31 -23.10 -2.48
N GLY B 198 -3.44 -22.59 -1.99
CA GLY B 198 -3.85 -21.22 -2.29
C GLY B 198 -2.86 -20.22 -1.74
N PRO B 199 -2.78 -20.10 -0.41
CA PRO B 199 -1.87 -19.16 0.27
C PRO B 199 -0.42 -19.43 -0.10
N LEU B 200 -0.06 -20.69 -0.27
CA LEU B 200 1.31 -21.04 -0.64
C LEU B 200 1.64 -20.42 -2.00
N ASN B 201 0.69 -20.45 -2.93
CA ASN B 201 0.89 -19.89 -4.25
C ASN B 201 1.13 -18.37 -4.20
N VAL B 202 0.29 -17.68 -3.44
CA VAL B 202 0.40 -16.24 -3.29
C VAL B 202 1.73 -15.83 -2.66
N PHE B 203 2.15 -16.55 -1.62
CA PHE B 203 3.40 -16.30 -0.91
C PHE B 203 4.63 -16.51 -1.80
N GLU B 204 4.65 -17.62 -2.51
CA GLU B 204 5.76 -18.00 -3.39
C GLU B 204 5.93 -17.27 -4.70
N ASN B 205 4.81 -16.98 -5.36
CA ASN B 205 4.86 -16.33 -6.67
C ASN B 205 4.47 -14.87 -6.73
N ILE B 206 3.90 -14.35 -5.65
CA ILE B 206 3.47 -12.96 -5.64
C ILE B 206 4.21 -12.15 -4.59
N GLU B 207 4.03 -12.51 -3.32
CA GLU B 207 4.66 -11.77 -2.22
C GLU B 207 6.19 -11.81 -2.15
N MET B 208 6.80 -12.99 -2.19
CA MET B 208 8.25 -13.07 -2.11
C MET B 208 8.98 -12.39 -3.25
N PRO B 209 8.58 -12.65 -4.51
CA PRO B 209 9.26 -12.00 -5.64
C PRO B 209 9.11 -10.48 -5.61
N LEU B 210 8.05 -10.00 -4.96
CA LEU B 210 7.79 -8.56 -4.85
C LEU B 210 8.72 -7.84 -3.88
N VAL B 211 9.33 -8.56 -2.95
CA VAL B 211 10.23 -7.96 -1.96
C VAL B 211 11.36 -7.09 -2.56
N PRO B 212 12.16 -7.65 -3.49
CA PRO B 212 13.21 -6.79 -4.03
C PRO B 212 12.70 -5.68 -4.98
N VAL B 213 11.53 -5.86 -5.59
CA VAL B 213 11.01 -4.82 -6.48
C VAL B 213 10.50 -3.62 -5.68
N LEU B 214 9.95 -3.87 -4.48
CA LEU B 214 9.49 -2.77 -3.63
C LEU B 214 10.71 -1.98 -3.15
N SER B 215 11.81 -2.68 -2.87
CA SER B 215 13.04 -2.05 -2.42
C SER B 215 13.55 -1.09 -3.50
N ARG B 216 13.54 -1.56 -4.74
CA ARG B 216 13.99 -0.77 -5.88
C ARG B 216 13.12 0.45 -6.18
N ILE B 217 11.82 0.34 -5.95
CA ILE B 217 10.91 1.46 -6.18
C ILE B 217 11.12 2.50 -5.09
N GLU B 218 11.20 2.03 -3.84
CA GLU B 218 11.41 2.91 -2.71
C GLU B 218 12.74 3.66 -2.79
N ARG B 219 13.79 2.95 -3.21
CA ARG B 219 15.12 3.55 -3.33
C ARG B 219 15.27 4.46 -4.54
N ASN B 220 14.44 4.26 -5.56
CA ASN B 220 14.46 5.11 -6.74
C ASN B 220 13.94 6.49 -6.32
N GLY B 221 12.84 6.49 -5.57
CA GLY B 221 12.26 7.73 -5.12
C GLY B 221 11.50 8.43 -6.23
N VAL B 222 10.98 9.62 -5.95
CA VAL B 222 10.24 10.39 -6.96
C VAL B 222 10.66 11.85 -6.91
N LYS B 223 10.79 12.46 -8.08
CA LYS B 223 11.19 13.87 -8.23
C LYS B 223 10.04 14.81 -7.91
N ILE B 224 10.24 15.66 -6.91
CA ILE B 224 9.26 16.65 -6.47
C ILE B 224 9.84 18.07 -6.60
N ASP B 225 9.06 18.96 -7.21
CA ASP B 225 9.47 20.35 -7.39
C ASP B 225 9.03 21.13 -6.16
N PRO B 226 9.98 21.49 -5.28
CA PRO B 226 9.61 22.24 -4.08
C PRO B 226 9.12 23.66 -4.34
N LYS B 227 9.57 24.29 -5.43
CA LYS B 227 9.16 25.65 -5.78
C LYS B 227 7.66 25.67 -6.07
N VAL B 228 7.23 24.74 -6.92
CA VAL B 228 5.82 24.60 -7.29
C VAL B 228 4.96 24.40 -6.03
N LEU B 229 5.45 23.57 -5.12
CA LEU B 229 4.72 23.29 -3.88
C LEU B 229 4.66 24.54 -3.01
N HIS B 230 5.71 25.35 -3.07
CA HIS B 230 5.74 26.57 -2.29
C HIS B 230 4.78 27.62 -2.83
N ASN B 231 4.70 27.76 -4.15
CA ASN B 231 3.79 28.72 -4.77
C ASN B 231 2.37 28.33 -4.41
N HIS B 232 2.08 27.03 -4.50
CA HIS B 232 0.77 26.49 -4.19
C HIS B 232 0.43 26.82 -2.74
N SER B 233 1.44 26.77 -1.87
CA SER B 233 1.24 27.07 -0.46
C SER B 233 0.88 28.54 -0.21
N GLU B 234 1.61 29.44 -0.86
CA GLU B 234 1.38 30.87 -0.72
C GLU B 234 0.00 31.23 -1.24
N GLU B 235 -0.36 30.66 -2.38
CA GLU B 235 -1.66 30.90 -2.99
C GLU B 235 -2.82 30.38 -2.15
N LEU B 236 -2.62 29.23 -1.50
CA LEU B 236 -3.66 28.65 -0.67
C LEU B 236 -3.88 29.49 0.58
N THR B 237 -2.83 30.17 1.04
CA THR B 237 -2.90 31.04 2.21
C THR B 237 -3.85 32.20 1.87
N LEU B 238 -3.65 32.77 0.67
CA LEU B 238 -4.46 33.86 0.17
C LEU B 238 -5.91 33.40 -0.04
N ARG B 239 -6.08 32.22 -0.62
CA ARG B 239 -7.42 31.67 -0.86
C ARG B 239 -8.18 31.37 0.42
N LEU B 240 -7.46 30.97 1.46
CA LEU B 240 -8.08 30.66 2.74
C LEU B 240 -8.50 31.96 3.40
N ALA B 241 -7.73 33.02 3.16
CA ALA B 241 -8.05 34.34 3.72
C ALA B 241 -9.30 34.88 3.04
N GLU B 242 -9.32 34.80 1.71
CA GLU B 242 -10.46 35.25 0.89
C GLU B 242 -11.75 34.52 1.23
N LEU B 243 -11.65 33.20 1.38
CA LEU B 243 -12.80 32.35 1.71
C LEU B 243 -13.37 32.70 3.07
N GLU B 244 -12.50 32.99 4.03
CA GLU B 244 -12.94 33.33 5.37
C GLU B 244 -13.73 34.63 5.34
N LYS B 245 -13.27 35.57 4.52
CA LYS B 245 -13.94 36.85 4.35
C LYS B 245 -15.30 36.64 3.70
N LYS B 246 -15.36 35.79 2.67
CA LYS B 246 -16.62 35.47 1.99
C LYS B 246 -17.65 34.89 2.95
N ALA B 247 -17.17 34.18 3.98
CA ALA B 247 -18.04 33.58 4.98
C ALA B 247 -18.59 34.66 5.92
N HIS B 248 -17.70 35.54 6.37
CA HIS B 248 -18.07 36.64 7.29
C HIS B 248 -19.06 37.60 6.60
N GLU B 249 -18.77 37.88 5.33
CA GLU B 249 -19.58 38.77 4.49
C GLU B 249 -20.99 38.25 4.25
N ILE B 250 -21.14 36.94 4.13
CA ILE B 250 -22.45 36.32 3.91
C ILE B 250 -23.35 36.47 5.14
N ALA B 251 -22.76 36.34 6.31
CA ALA B 251 -23.50 36.49 7.56
C ALA B 251 -23.08 37.80 8.24
N GLY B 252 -22.60 37.71 9.47
CA GLY B 252 -22.14 38.89 10.19
C GLY B 252 -21.02 38.45 11.11
N GLU B 253 -20.38 39.41 11.78
CA GLU B 253 -19.27 39.14 12.72
C GLU B 253 -18.25 38.09 12.25
N GLU B 254 -17.38 37.69 13.17
CA GLU B 254 -16.35 36.69 12.89
C GLU B 254 -16.69 35.37 13.57
N PHE B 255 -16.06 34.30 13.12
CA PHE B 255 -16.28 32.97 13.66
C PHE B 255 -15.36 31.93 13.03
N ASN B 256 -15.14 30.82 13.72
CA ASN B 256 -14.31 29.73 13.20
C ASN B 256 -15.14 28.97 12.19
N LEU B 257 -14.50 28.15 11.38
CA LEU B 257 -15.23 27.37 10.41
C LEU B 257 -15.47 25.96 10.97
N SER B 258 -15.71 25.92 12.29
CA SER B 258 -15.96 24.69 13.06
C SER B 258 -17.44 24.42 13.34
N SER B 259 -17.96 23.30 12.82
CA SER B 259 -19.37 22.95 13.03
C SER B 259 -19.67 22.62 14.49
N THR B 260 -20.96 22.37 14.77
CA THR B 260 -21.43 22.08 16.14
C THR B 260 -20.94 23.10 17.18
N LYS B 261 -20.55 24.28 16.69
CA LYS B 261 -20.07 25.36 17.54
C LYS B 261 -20.50 26.72 16.99
N GLN B 262 -19.81 27.16 15.93
CA GLN B 262 -20.08 28.46 15.31
C GLN B 262 -20.97 28.39 14.07
N LEU B 263 -21.03 27.23 13.42
CA LEU B 263 -21.84 27.06 12.21
C LEU B 263 -23.33 26.92 12.44
N GLN B 264 -23.76 26.09 13.40
CA GLN B 264 -25.21 25.86 13.70
C GLN B 264 -25.88 27.16 14.19
N THR B 265 -25.05 27.99 14.83
CA THR B 265 -25.52 29.30 15.35
C THR B 265 -25.80 30.30 14.22
N ILE B 266 -25.28 29.99 13.02
CA ILE B 266 -25.45 30.83 11.85
C ILE B 266 -26.42 30.19 10.86
N LEU B 267 -25.98 29.07 10.28
CA LEU B 267 -26.71 28.27 9.28
C LEU B 267 -28.22 28.04 9.45
N PHE B 268 -28.60 27.44 10.57
CA PHE B 268 -30.00 27.13 10.85
C PHE B 268 -30.70 28.28 11.57
N GLU B 269 -29.91 29.17 12.16
CA GLU B 269 -30.43 30.35 12.83
C GLU B 269 -30.92 31.35 11.78
N LYS B 270 -30.48 31.13 10.53
CA LYS B 270 -30.90 31.97 9.39
C LYS B 270 -31.70 31.14 8.38
N GLN B 271 -32.36 30.11 8.90
CA GLN B 271 -33.16 29.16 8.13
C GLN B 271 -32.37 27.95 7.60
N GLY B 272 -32.89 26.78 7.94
CA GLY B 272 -32.29 25.51 7.56
C GLY B 272 -32.83 24.49 8.55
N ILE B 273 -32.28 23.29 8.59
CA ILE B 273 -32.78 22.30 9.53
C ILE B 273 -31.73 21.78 10.52
N LYS B 274 -31.89 22.19 11.78
CA LYS B 274 -31.06 21.85 12.96
C LYS B 274 -29.78 20.98 13.01
N PRO B 275 -29.81 19.71 12.51
CA PRO B 275 -28.59 18.87 12.56
C PRO B 275 -27.36 19.38 11.79
N LEU B 276 -26.16 18.99 12.25
CA LEU B 276 -24.90 19.41 11.61
C LEU B 276 -24.38 18.36 10.60
N LYS B 277 -23.12 18.48 10.20
CA LYS B 277 -22.52 17.54 9.24
C LYS B 277 -21.12 17.13 9.64
N LYS B 278 -20.98 15.87 10.07
CA LYS B 278 -19.70 15.29 10.50
C LYS B 278 -18.60 15.34 9.44
N THR B 279 -17.40 15.74 9.87
CA THR B 279 -16.25 15.85 8.97
C THR B 279 -15.48 14.52 8.92
N PRO B 284 -20.21 7.80 8.52
CA PRO B 284 -20.99 8.97 9.03
C PRO B 284 -20.92 10.17 8.08
N SER B 285 -19.72 10.51 7.63
CA SER B 285 -19.49 11.64 6.73
C SER B 285 -19.75 11.33 5.25
N THR B 286 -19.26 10.18 4.78
CA THR B 286 -19.44 9.77 3.38
C THR B 286 -20.81 9.10 3.16
N SER B 287 -21.82 9.58 3.89
CA SER B 287 -23.18 9.06 3.81
C SER B 287 -24.23 10.13 4.11
N GLU B 288 -23.87 11.09 4.97
CA GLU B 288 -24.78 12.17 5.36
C GLU B 288 -24.06 13.51 5.51
N GLU B 289 -23.76 14.16 4.39
CA GLU B 289 -23.06 15.43 4.43
C GLU B 289 -24.04 16.59 4.24
N VAL B 290 -24.65 17.02 5.35
CA VAL B 290 -25.63 18.11 5.37
C VAL B 290 -25.16 19.40 4.70
N LEU B 291 -23.86 19.69 4.83
CA LEU B 291 -23.28 20.90 4.25
C LEU B 291 -23.30 20.93 2.72
N GLU B 292 -23.08 19.78 2.09
CA GLU B 292 -23.08 19.74 0.63
C GLU B 292 -24.44 19.54 -0.03
N GLU B 293 -25.49 19.40 0.79
CA GLU B 293 -26.84 19.28 0.28
C GLU B 293 -27.27 20.72 0.06
N LEU B 294 -27.04 21.52 1.10
CA LEU B 294 -27.35 22.95 1.11
C LEU B 294 -26.55 23.67 0.01
N ALA B 295 -25.38 23.13 -0.31
CA ALA B 295 -24.48 23.70 -1.32
C ALA B 295 -25.05 23.84 -2.74
N LEU B 296 -26.15 23.13 -3.03
CA LEU B 296 -26.76 23.20 -4.36
C LEU B 296 -27.55 24.48 -4.58
N ASP B 297 -27.81 25.22 -3.49
CA ASP B 297 -28.56 26.47 -3.53
C ASP B 297 -28.03 27.51 -2.53
N TYR B 298 -27.78 27.06 -1.29
CA TYR B 298 -27.24 27.90 -0.23
C TYR B 298 -25.74 28.15 -0.41
N PRO B 299 -25.31 29.42 -0.33
CA PRO B 299 -23.91 29.83 -0.51
C PRO B 299 -22.94 29.58 0.65
N LEU B 300 -23.33 29.92 1.88
CA LEU B 300 -22.45 29.76 3.04
C LEU B 300 -21.87 28.36 3.27
N PRO B 301 -22.73 27.34 3.39
CA PRO B 301 -22.23 25.98 3.61
C PRO B 301 -21.27 25.49 2.51
N LYS B 302 -21.44 26.07 1.32
CA LYS B 302 -20.62 25.73 0.16
C LYS B 302 -19.20 26.30 0.32
N VAL B 303 -19.09 27.52 0.87
CA VAL B 303 -17.78 28.15 1.07
C VAL B 303 -17.03 27.55 2.27
N ILE B 304 -17.79 27.07 3.26
CA ILE B 304 -17.21 26.46 4.45
C ILE B 304 -16.71 25.06 4.08
N LEU B 305 -17.42 24.44 3.14
CA LEU B 305 -17.07 23.11 2.64
C LEU B 305 -15.70 23.19 1.96
N GLU B 306 -15.58 24.13 1.02
CA GLU B 306 -14.35 24.34 0.26
C GLU B 306 -13.16 24.84 1.10
N TYR B 307 -13.46 25.62 2.14
CA TYR B 307 -12.42 26.16 3.02
C TYR B 307 -11.68 25.03 3.75
N ARG B 308 -12.45 24.21 4.48
CA ARG B 308 -11.91 23.08 5.24
C ARG B 308 -11.07 22.15 4.38
N GLY B 309 -11.58 21.86 3.19
CA GLY B 309 -10.89 20.97 2.27
C GLY B 309 -9.51 21.49 1.89
N LEU B 310 -9.44 22.77 1.56
CA LEU B 310 -8.18 23.39 1.19
C LEU B 310 -7.22 23.44 2.38
N ALA B 311 -7.77 23.66 3.57
CA ALA B 311 -6.97 23.72 4.79
C ALA B 311 -6.28 22.39 5.06
N LYS B 312 -7.04 21.30 4.88
CA LYS B 312 -6.54 19.93 5.09
C LYS B 312 -5.37 19.61 4.13
N LEU B 313 -5.62 19.88 2.85
CA LEU B 313 -4.66 19.64 1.77
C LEU B 313 -3.34 20.41 1.89
N LYS B 314 -3.40 21.65 2.38
CA LYS B 314 -2.20 22.47 2.53
C LYS B 314 -1.21 21.95 3.56
N SER B 315 -1.71 21.61 4.75
CA SER B 315 -0.83 21.11 5.81
C SER B 315 -0.40 19.66 5.63
N THR B 316 -1.14 18.91 4.81
CA THR B 316 -0.83 17.50 4.59
C THR B 316 0.16 17.26 3.45
N TYR B 317 0.02 18.01 2.37
CA TYR B 317 0.89 17.79 1.23
C TYR B 317 1.71 19.01 0.81
N THR B 318 1.07 20.18 0.78
CA THR B 318 1.76 21.38 0.37
C THR B 318 2.88 21.78 1.32
N ASP B 319 2.63 21.68 2.62
CA ASP B 319 3.63 22.03 3.62
C ASP B 319 4.56 20.88 4.01
N LYS B 320 4.09 19.65 3.86
CA LYS B 320 4.84 18.44 4.23
C LYS B 320 5.80 17.92 3.17
N LEU B 321 5.29 17.71 1.97
CA LEU B 321 6.06 17.18 0.84
C LEU B 321 7.48 17.73 0.63
N PRO B 322 7.67 19.07 0.68
CA PRO B 322 9.01 19.64 0.48
C PRO B 322 10.00 19.22 1.58
N LEU B 323 9.47 18.97 2.76
CA LEU B 323 10.27 18.56 3.91
C LEU B 323 10.69 17.08 3.86
N MET B 324 10.15 16.33 2.89
CA MET B 324 10.46 14.92 2.76
C MET B 324 11.55 14.63 1.73
N ILE B 325 12.01 15.67 1.05
CA ILE B 325 13.06 15.51 0.06
C ILE B 325 14.33 15.06 0.77
N ASN B 326 14.91 13.96 0.31
CA ASN B 326 16.13 13.44 0.92
C ASN B 326 17.35 14.21 0.39
N PRO B 327 18.16 14.78 1.28
CA PRO B 327 19.36 15.54 0.90
C PRO B 327 20.34 14.77 0.04
N LYS B 328 20.42 13.46 0.27
CA LYS B 328 21.35 12.60 -0.45
C LYS B 328 21.00 12.35 -1.91
N THR B 329 19.71 12.23 -2.21
CA THR B 329 19.27 11.94 -3.57
C THR B 329 18.56 13.11 -4.24
N GLY B 330 17.96 13.94 -3.41
CA GLY B 330 17.20 15.07 -3.91
C GLY B 330 15.80 14.62 -4.28
N ARG B 331 15.43 13.41 -3.87
CA ARG B 331 14.10 12.88 -4.18
C ARG B 331 13.36 12.43 -2.93
N VAL B 332 12.06 12.22 -3.08
CA VAL B 332 11.18 11.77 -1.99
C VAL B 332 11.04 10.25 -2.08
N HIS B 333 11.34 9.57 -0.97
CA HIS B 333 11.25 8.12 -0.90
C HIS B 333 10.10 7.71 0.00
N THR B 334 9.00 7.31 -0.63
CA THR B 334 7.83 6.91 0.12
C THR B 334 7.99 5.50 0.67
N SER B 335 7.25 5.19 1.74
CA SER B 335 7.30 3.87 2.36
C SER B 335 6.10 3.03 1.98
N TYR B 336 6.34 1.94 1.29
CA TYR B 336 5.30 1.00 0.91
C TYR B 336 5.22 -0.08 1.98
N HIS B 337 4.01 -0.45 2.36
CA HIS B 337 3.78 -1.48 3.38
C HIS B 337 3.16 -2.69 2.71
N GLN B 338 3.90 -3.80 2.73
CA GLN B 338 3.44 -5.03 2.09
C GLN B 338 2.58 -5.95 2.96
N ALA B 339 2.60 -5.74 4.26
CA ALA B 339 1.81 -6.59 5.16
C ALA B 339 0.96 -5.78 6.14
N VAL B 340 0.04 -4.96 5.62
CA VAL B 340 -0.80 -4.14 6.47
C VAL B 340 -2.30 -4.21 6.16
N THR B 341 -2.66 -4.17 4.89
CA THR B 341 -4.08 -4.23 4.53
C THR B 341 -4.68 -5.62 4.69
N ALA B 342 -5.98 -5.67 4.97
CA ALA B 342 -6.70 -6.94 5.15
C ALA B 342 -6.91 -7.69 3.84
N THR B 343 -7.10 -6.94 2.76
CA THR B 343 -7.36 -7.51 1.44
C THR B 343 -6.13 -7.88 0.62
N GLY B 344 -4.96 -7.38 1.03
CA GLY B 344 -3.75 -7.69 0.31
C GLY B 344 -3.18 -6.60 -0.57
N ARG B 345 -3.82 -5.43 -0.57
CA ARG B 345 -3.35 -4.30 -1.38
C ARG B 345 -2.18 -3.61 -0.68
N LEU B 346 -1.31 -2.99 -1.45
CA LEU B 346 -0.19 -2.26 -0.87
C LEU B 346 -0.71 -0.94 -0.33
N SER B 347 -0.14 -0.49 0.78
CA SER B 347 -0.52 0.79 1.36
C SER B 347 0.73 1.63 1.24
N SER B 348 0.63 2.90 1.64
CA SER B 348 1.75 3.82 1.50
C SER B 348 1.72 4.91 2.56
N THR B 349 2.89 5.40 2.98
CA THR B 349 2.99 6.49 3.96
C THR B 349 4.24 7.34 3.69
N ASP B 350 4.22 8.56 4.21
CA ASP B 350 5.33 9.53 4.08
C ASP B 350 5.95 9.65 2.69
N PRO B 351 5.15 10.05 1.69
CA PRO B 351 3.74 10.41 1.79
C PRO B 351 2.77 9.26 1.46
N ASN B 352 1.53 9.44 1.89
CA ASN B 352 0.46 8.49 1.61
C ASN B 352 -0.11 8.92 0.26
N LEU B 353 0.48 8.42 -0.82
CA LEU B 353 0.08 8.75 -2.18
C LEU B 353 -1.40 8.55 -2.47
N GLN B 354 -2.04 7.62 -1.76
CA GLN B 354 -3.43 7.32 -2.00
C GLN B 354 -4.48 8.29 -1.43
N ASN B 355 -4.05 9.24 -0.60
CA ASN B 355 -4.96 10.23 -0.04
C ASN B 355 -4.97 11.57 -0.78
N ILE B 356 -4.25 11.63 -1.90
CA ILE B 356 -4.18 12.82 -2.74
C ILE B 356 -5.45 12.76 -3.59
N PRO B 357 -6.37 13.73 -3.41
CA PRO B 357 -7.63 13.78 -4.17
C PRO B 357 -7.46 13.51 -5.66
N VAL B 358 -8.31 12.64 -6.21
CA VAL B 358 -8.25 12.30 -7.64
C VAL B 358 -9.17 13.20 -8.47
N ARG B 359 -10.47 13.19 -8.14
CA ARG B 359 -11.43 14.02 -8.84
C ARG B 359 -11.67 15.27 -8.00
N ASN B 360 -10.68 16.16 -8.07
CA ASN B 360 -10.64 17.44 -7.37
C ASN B 360 -9.53 18.20 -8.08
N GLU B 361 -9.71 19.49 -8.27
CA GLU B 361 -8.71 20.28 -8.96
C GLU B 361 -7.41 20.50 -8.20
N GLU B 362 -7.48 20.65 -6.89
CA GLU B 362 -6.28 20.88 -6.08
C GLU B 362 -5.38 19.66 -6.03
N GLY B 363 -6.00 18.48 -6.01
CA GLY B 363 -5.24 17.25 -5.99
C GLY B 363 -4.39 17.18 -7.24
N ARG B 364 -4.94 17.73 -8.33
CA ARG B 364 -4.25 17.76 -9.62
C ARG B 364 -3.00 18.62 -9.57
N ARG B 365 -3.06 19.69 -8.78
CA ARG B 365 -1.92 20.59 -8.64
C ARG B 365 -0.83 19.96 -7.79
N ILE B 366 -1.24 19.09 -6.86
CA ILE B 366 -0.28 18.37 -6.02
C ILE B 366 0.49 17.49 -7.00
N ARG B 367 -0.25 16.77 -7.84
CA ARG B 367 0.36 15.87 -8.83
C ARG B 367 1.28 16.55 -9.84
N GLN B 368 1.03 17.83 -10.13
CA GLN B 368 1.87 18.56 -11.07
C GLN B 368 3.27 18.76 -10.50
N ALA B 369 3.38 18.64 -9.18
CA ALA B 369 4.67 18.79 -8.49
C ALA B 369 5.56 17.54 -8.59
N PHE B 370 5.00 16.45 -9.09
CA PHE B 370 5.73 15.20 -9.27
C PHE B 370 6.22 15.26 -10.71
N ILE B 371 7.48 15.65 -10.87
CA ILE B 371 8.06 15.85 -12.19
C ILE B 371 9.11 14.87 -12.66
N ALA B 372 9.30 14.83 -13.98
CA ALA B 372 10.30 13.98 -14.58
C ALA B 372 11.59 14.78 -14.75
N PRO B 373 12.74 14.15 -14.47
CA PRO B 373 14.03 14.85 -14.64
C PRO B 373 14.26 15.20 -16.11
N GLU B 374 15.28 16.02 -16.37
CA GLU B 374 15.61 16.48 -17.73
C GLU B 374 15.73 15.33 -18.74
N ASP B 375 15.15 15.53 -19.92
CA ASP B 375 15.16 14.56 -21.01
C ASP B 375 14.34 13.31 -20.76
N TYR B 376 13.55 13.31 -19.68
CA TYR B 376 12.68 12.19 -19.32
C TYR B 376 11.23 12.66 -19.22
N VAL B 377 10.28 11.71 -19.19
CA VAL B 377 8.86 12.04 -19.07
C VAL B 377 8.20 11.09 -18.08
N ILE B 378 7.12 11.54 -17.47
CA ILE B 378 6.38 10.70 -16.54
C ILE B 378 5.37 9.87 -17.32
N VAL B 379 5.41 8.55 -17.13
CA VAL B 379 4.47 7.65 -17.81
C VAL B 379 3.56 6.94 -16.81
N SER B 380 2.26 6.98 -17.07
CA SER B 380 1.26 6.37 -16.21
C SER B 380 0.56 5.20 -16.91
N ALA B 381 0.56 4.03 -16.27
CA ALA B 381 -0.07 2.82 -16.80
C ALA B 381 -1.13 2.41 -15.79
N ASP B 382 -2.39 2.48 -16.20
CA ASP B 382 -3.51 2.20 -15.31
C ASP B 382 -4.45 1.10 -15.78
N TYR B 383 -4.94 0.28 -14.84
CA TYR B 383 -5.89 -0.80 -15.15
C TYR B 383 -7.28 -0.19 -15.05
N SER B 384 -7.89 0.09 -16.19
CA SER B 384 -9.23 0.68 -16.26
C SER B 384 -10.25 -0.18 -15.53
N GLN B 385 -10.86 0.41 -14.49
CA GLN B 385 -11.88 -0.24 -13.63
C GLN B 385 -11.70 -1.74 -13.50
N ILE B 386 -10.55 -2.12 -12.95
CA ILE B 386 -10.20 -3.51 -12.77
C ILE B 386 -11.16 -4.29 -11.84
N GLU B 387 -11.60 -3.66 -10.75
CA GLU B 387 -12.52 -4.34 -9.83
C GLU B 387 -13.84 -4.71 -10.47
N LEU B 388 -14.31 -3.83 -11.36
CA LEU B 388 -15.56 -4.03 -12.08
C LEU B 388 -15.41 -5.16 -13.07
N ARG B 389 -14.24 -5.25 -13.70
CA ARG B 389 -13.97 -6.32 -14.65
C ARG B 389 -13.85 -7.64 -13.91
N ILE B 390 -13.32 -7.59 -12.68
CA ILE B 390 -13.17 -8.77 -11.85
C ILE B 390 -14.54 -9.26 -11.42
N MET B 391 -15.42 -8.33 -11.06
CA MET B 391 -16.77 -8.71 -10.66
C MET B 391 -17.52 -9.33 -11.83
N ALA B 392 -17.26 -8.83 -13.04
CA ALA B 392 -17.89 -9.36 -14.25
C ALA B 392 -17.51 -10.82 -14.41
N HIS B 393 -16.24 -11.12 -14.20
CA HIS B 393 -15.70 -12.47 -14.28
C HIS B 393 -16.24 -13.39 -13.18
N LEU B 394 -16.20 -12.91 -11.93
CA LEU B 394 -16.66 -13.68 -10.79
C LEU B 394 -18.15 -14.01 -10.84
N SER B 395 -18.94 -13.13 -11.45
CA SER B 395 -20.37 -13.35 -11.53
C SER B 395 -20.76 -14.09 -12.80
N ARG B 396 -19.78 -14.30 -13.68
CA ARG B 396 -19.95 -15.01 -14.95
C ARG B 396 -21.09 -14.45 -15.79
N ASP B 397 -21.39 -13.17 -15.60
CA ASP B 397 -22.47 -12.49 -16.31
C ASP B 397 -22.12 -12.12 -17.75
N LYS B 398 -22.83 -12.73 -18.69
CA LYS B 398 -22.64 -12.50 -20.13
C LYS B 398 -22.94 -11.06 -20.52
N GLY B 399 -23.83 -10.41 -19.76
CA GLY B 399 -24.18 -9.02 -20.02
C GLY B 399 -22.99 -8.12 -19.80
N LEU B 400 -22.43 -8.17 -18.60
CA LEU B 400 -21.26 -7.36 -18.24
C LEU B 400 -20.06 -7.75 -19.08
N LEU B 401 -19.81 -9.05 -19.19
CA LEU B 401 -18.68 -9.54 -19.98
C LEU B 401 -18.72 -9.00 -21.40
N THR B 402 -19.91 -8.97 -21.99
CA THR B 402 -20.05 -8.47 -23.35
C THR B 402 -19.85 -6.95 -23.44
N ALA B 403 -20.31 -6.22 -22.43
CA ALA B 403 -20.13 -4.76 -22.42
C ALA B 403 -18.64 -4.45 -22.52
N PHE B 404 -17.85 -5.07 -21.65
CA PHE B 404 -16.39 -4.89 -21.66
C PHE B 404 -15.79 -5.43 -22.94
N ALA B 405 -16.31 -6.56 -23.42
CA ALA B 405 -15.82 -7.20 -24.64
C ALA B 405 -15.87 -6.31 -25.87
N GLU B 406 -16.98 -5.57 -26.03
CA GLU B 406 -17.11 -4.67 -27.19
C GLU B 406 -16.67 -3.23 -26.93
N GLY B 407 -15.96 -3.02 -25.83
CA GLY B 407 -15.42 -1.72 -25.47
C GLY B 407 -16.41 -0.63 -25.11
N LYS B 408 -17.60 -1.02 -24.67
CA LYS B 408 -18.58 -0.01 -24.29
C LYS B 408 -18.38 0.44 -22.85
N ASP B 409 -18.86 1.64 -22.55
CA ASP B 409 -18.75 2.22 -21.22
C ASP B 409 -19.70 1.42 -20.34
N ILE B 410 -19.17 0.63 -19.41
CA ILE B 410 -20.06 -0.18 -18.58
C ILE B 410 -21.13 0.55 -17.81
N HIS B 411 -20.87 1.79 -17.41
CA HIS B 411 -21.87 2.55 -16.66
C HIS B 411 -23.09 2.94 -17.51
N ARG B 412 -22.85 3.29 -18.78
CA ARG B 412 -23.92 3.63 -19.70
C ARG B 412 -24.60 2.33 -20.16
N ALA B 413 -23.80 1.27 -20.30
CA ALA B 413 -24.30 -0.05 -20.73
C ALA B 413 -25.24 -0.60 -19.67
N THR B 414 -24.86 -0.42 -18.41
CA THR B 414 -25.66 -0.86 -17.28
C THR B 414 -26.95 -0.05 -17.19
N ALA B 415 -26.84 1.26 -17.40
CA ALA B 415 -27.99 2.15 -17.34
C ALA B 415 -28.97 1.83 -18.48
N ALA B 416 -28.43 1.51 -19.65
CA ALA B 416 -29.26 1.18 -20.80
C ALA B 416 -30.07 -0.09 -20.53
N GLU B 417 -29.54 -0.99 -19.70
CA GLU B 417 -30.22 -2.24 -19.34
C GLU B 417 -31.17 -2.05 -18.16
N VAL B 418 -30.68 -1.40 -17.11
CA VAL B 418 -31.49 -1.16 -15.92
C VAL B 418 -32.72 -0.31 -16.22
N PHE B 419 -32.52 0.80 -16.93
CA PHE B 419 -33.61 1.71 -17.28
C PHE B 419 -34.29 1.40 -18.62
N GLY B 420 -33.73 0.46 -19.37
CA GLY B 420 -34.32 0.07 -20.65
C GLY B 420 -34.45 1.17 -21.68
N LEU B 421 -33.34 1.50 -22.32
CA LEU B 421 -33.32 2.54 -23.34
C LEU B 421 -32.03 2.39 -24.14
N PRO B 422 -31.98 2.95 -25.37
CA PRO B 422 -30.77 2.85 -26.20
C PRO B 422 -29.52 3.40 -25.53
N LEU B 423 -28.37 2.81 -25.86
CA LEU B 423 -27.10 3.23 -25.29
C LEU B 423 -26.73 4.67 -25.66
N GLU B 424 -27.08 5.08 -26.87
CA GLU B 424 -26.75 6.43 -27.31
C GLU B 424 -27.54 7.51 -26.58
N THR B 425 -28.73 7.15 -26.10
CA THR B 425 -29.59 8.11 -25.41
C THR B 425 -29.45 8.21 -23.89
N VAL B 426 -28.73 7.28 -23.27
CA VAL B 426 -28.60 7.35 -21.82
C VAL B 426 -28.04 8.69 -21.35
N THR B 427 -28.79 9.31 -20.43
CA THR B 427 -28.47 10.61 -19.86
C THR B 427 -27.40 10.57 -18.75
N SER B 428 -26.88 11.74 -18.39
CA SER B 428 -25.85 11.82 -17.35
C SER B 428 -26.32 11.38 -15.99
N GLU B 429 -27.59 11.64 -15.70
CA GLU B 429 -28.16 11.28 -14.42
C GLU B 429 -28.36 9.77 -14.34
N GLN B 430 -28.75 9.16 -15.46
CA GLN B 430 -28.97 7.72 -15.53
C GLN B 430 -27.64 7.00 -15.37
N ARG B 431 -26.62 7.50 -16.08
CA ARG B 431 -25.28 6.92 -16.03
C ARG B 431 -24.70 7.04 -14.63
N ARG B 432 -24.98 8.17 -13.98
CA ARG B 432 -24.52 8.43 -12.64
C ARG B 432 -25.25 7.53 -11.64
N SER B 433 -26.47 7.11 -11.99
CA SER B 433 -27.26 6.23 -11.13
C SER B 433 -26.78 4.79 -11.22
N ALA B 434 -26.40 4.37 -12.43
CA ALA B 434 -25.92 3.02 -12.68
C ALA B 434 -24.52 2.86 -12.08
N LYS B 435 -23.72 3.91 -12.18
CA LYS B 435 -22.36 3.96 -11.66
C LYS B 435 -22.32 3.78 -10.13
N ALA B 436 -23.26 4.39 -9.44
CA ALA B 436 -23.36 4.31 -7.99
C ALA B 436 -23.75 2.90 -7.57
N ILE B 437 -24.54 2.23 -8.41
CA ILE B 437 -24.97 0.86 -8.16
C ILE B 437 -23.78 -0.08 -8.35
N ASN B 438 -23.08 0.09 -9.47
CA ASN B 438 -21.93 -0.72 -9.81
C ASN B 438 -20.86 -0.73 -8.71
N PHE B 439 -20.48 0.44 -8.24
CA PHE B 439 -19.47 0.51 -7.20
C PHE B 439 -20.04 0.17 -5.84
N GLY B 440 -21.37 0.25 -5.71
CA GLY B 440 -22.01 -0.07 -4.45
C GLY B 440 -21.91 -1.56 -4.22
N LEU B 441 -22.15 -2.34 -5.28
CA LEU B 441 -22.08 -3.80 -5.22
C LEU B 441 -20.73 -4.33 -4.73
N ILE B 442 -19.64 -3.70 -5.20
CA ILE B 442 -18.28 -4.08 -4.83
C ILE B 442 -18.04 -3.97 -3.32
N TYR B 443 -18.57 -2.91 -2.71
CA TYR B 443 -18.41 -2.70 -1.28
C TYR B 443 -19.56 -3.34 -0.52
N GLY B 444 -20.45 -4.02 -1.26
CA GLY B 444 -21.61 -4.67 -0.65
C GLY B 444 -22.58 -3.69 -0.02
N MET B 445 -22.66 -2.51 -0.61
CA MET B 445 -23.54 -1.44 -0.14
C MET B 445 -25.03 -1.78 -0.07
N SER B 446 -25.64 -1.41 1.07
CA SER B 446 -27.06 -1.64 1.32
C SER B 446 -27.92 -0.75 0.44
N ALA B 447 -29.11 -1.23 0.08
CA ALA B 447 -30.03 -0.49 -0.77
C ALA B 447 -30.39 0.90 -0.24
N PHE B 448 -30.13 1.11 1.05
CA PHE B 448 -30.42 2.40 1.68
C PHE B 448 -29.18 3.28 1.64
N GLY B 449 -28.00 2.64 1.63
CA GLY B 449 -26.75 3.37 1.53
C GLY B 449 -26.61 3.96 0.14
N LEU B 450 -27.19 3.26 -0.84
CA LEU B 450 -27.19 3.69 -2.25
C LEU B 450 -28.08 4.92 -2.39
N ALA B 451 -29.14 4.97 -1.58
CA ALA B 451 -30.06 6.09 -1.58
C ALA B 451 -29.39 7.35 -1.03
N ARG B 452 -28.47 7.16 -0.07
CA ARG B 452 -27.74 8.27 0.55
C ARG B 452 -26.62 8.80 -0.34
N GLN B 453 -26.23 8.02 -1.35
CA GLN B 453 -25.17 8.42 -2.27
C GLN B 453 -25.81 9.03 -3.51
N LEU B 454 -27.02 8.58 -3.81
CA LEU B 454 -27.76 9.04 -4.98
C LEU B 454 -28.79 10.13 -4.68
N ASN B 455 -29.06 10.36 -3.39
CA ASN B 455 -30.02 11.37 -2.93
C ASN B 455 -31.47 11.09 -3.29
N ILE B 456 -31.75 9.85 -3.67
CA ILE B 456 -33.11 9.43 -3.99
C ILE B 456 -33.68 8.77 -2.73
N PRO B 457 -35.01 8.65 -2.65
CA PRO B 457 -35.64 8.02 -1.48
C PRO B 457 -35.38 6.52 -1.38
N ARG B 458 -35.57 5.96 -0.19
CA ARG B 458 -35.39 4.51 0.04
C ARG B 458 -36.46 3.83 -0.81
N LYS B 459 -36.30 2.53 -1.06
CA LYS B 459 -37.27 1.76 -1.85
C LYS B 459 -37.37 2.20 -3.32
N GLU B 460 -36.78 3.36 -3.62
CA GLU B 460 -36.69 3.89 -4.97
C GLU B 460 -35.30 3.39 -5.40
N ALA B 461 -34.42 3.31 -4.40
CA ALA B 461 -33.06 2.81 -4.58
C ALA B 461 -33.20 1.30 -4.69
N GLN B 462 -34.12 0.76 -3.88
CA GLN B 462 -34.43 -0.66 -3.87
C GLN B 462 -35.03 -1.05 -5.22
N LYS B 463 -35.71 -0.10 -5.87
CA LYS B 463 -36.33 -0.33 -7.16
C LYS B 463 -35.27 -0.50 -8.25
N TYR B 464 -34.17 0.23 -8.12
CA TYR B 464 -33.07 0.15 -9.07
C TYR B 464 -32.28 -1.15 -8.94
N MET B 465 -32.00 -1.54 -7.70
CA MET B 465 -31.25 -2.75 -7.42
C MET B 465 -31.96 -4.04 -7.82
N ASP B 466 -33.29 -4.04 -7.73
CA ASP B 466 -34.08 -5.20 -8.12
C ASP B 466 -34.07 -5.32 -9.65
N LEU B 467 -34.13 -4.15 -10.30
CA LEU B 467 -34.09 -4.06 -11.76
C LEU B 467 -32.73 -4.48 -12.27
N TYR B 468 -31.71 -4.22 -11.44
CA TYR B 468 -30.33 -4.56 -11.78
C TYR B 468 -30.12 -6.07 -11.68
N PHE B 469 -30.53 -6.67 -10.56
CA PHE B 469 -30.36 -8.10 -10.34
C PHE B 469 -31.16 -8.96 -11.29
N GLU B 470 -32.22 -8.38 -11.85
CA GLU B 470 -33.07 -9.08 -12.80
C GLU B 470 -32.41 -9.08 -14.17
N ARG B 471 -31.70 -8.00 -14.48
CA ARG B 471 -31.01 -7.85 -15.74
C ARG B 471 -29.63 -8.53 -15.69
N TYR B 472 -29.02 -8.51 -14.49
CA TYR B 472 -27.70 -9.11 -14.25
C TYR B 472 -27.84 -10.07 -13.06
N PRO B 473 -28.48 -11.23 -13.29
CA PRO B 473 -28.73 -12.30 -12.31
C PRO B 473 -27.45 -12.91 -11.75
N GLY B 474 -26.44 -13.02 -12.61
CA GLY B 474 -25.16 -13.59 -12.20
C GLY B 474 -24.49 -12.86 -11.06
N VAL B 475 -24.83 -11.58 -10.87
CA VAL B 475 -24.25 -10.78 -9.81
C VAL B 475 -24.87 -11.10 -8.46
N LEU B 476 -26.18 -11.40 -8.47
CA LEU B 476 -26.88 -11.74 -7.23
C LEU B 476 -26.33 -13.07 -6.75
N GLU B 477 -26.20 -14.01 -7.69
CA GLU B 477 -25.68 -15.35 -7.42
C GLU B 477 -24.30 -15.29 -6.77
N TYR B 478 -23.38 -14.53 -7.37
CA TYR B 478 -22.03 -14.39 -6.82
C TYR B 478 -22.14 -13.89 -5.40
N MET B 479 -22.97 -12.87 -5.19
CA MET B 479 -23.13 -12.29 -3.87
C MET B 479 -23.64 -13.27 -2.84
N GLU B 480 -24.60 -14.09 -3.22
CA GLU B 480 -25.19 -15.06 -2.31
C GLU B 480 -24.21 -16.21 -2.04
N ARG B 481 -23.57 -16.70 -3.11
CA ARG B 481 -22.58 -17.77 -3.03
C ARG B 481 -21.37 -17.42 -2.16
N THR B 482 -20.94 -16.16 -2.24
CA THR B 482 -19.80 -15.70 -1.48
C THR B 482 -20.13 -15.55 0.00
N ARG B 483 -21.36 -15.15 0.30
CA ARG B 483 -21.76 -15.02 1.70
C ARG B 483 -21.91 -16.44 2.25
N ALA B 484 -22.22 -17.38 1.35
CA ALA B 484 -22.39 -18.79 1.71
C ALA B 484 -21.11 -19.44 2.23
N GLN B 485 -20.08 -19.49 1.38
CA GLN B 485 -18.81 -20.09 1.76
C GLN B 485 -18.15 -19.32 2.90
N ALA B 486 -18.46 -18.04 3.03
CA ALA B 486 -17.89 -17.22 4.09
C ALA B 486 -18.35 -17.73 5.47
N LYS B 487 -19.59 -18.20 5.54
CA LYS B 487 -20.16 -18.73 6.78
C LYS B 487 -19.75 -20.20 6.95
N GLU B 488 -19.66 -20.90 5.84
CA GLU B 488 -19.29 -22.32 5.81
C GLU B 488 -17.83 -22.57 6.22
N GLN B 489 -16.91 -21.71 5.80
CA GLN B 489 -15.51 -21.92 6.14
C GLN B 489 -14.81 -20.78 6.84
N GLY B 490 -15.54 -19.74 7.21
CA GLY B 490 -14.93 -18.62 7.92
C GLY B 490 -13.97 -17.73 7.14
N TYR B 491 -13.90 -17.90 5.82
CA TYR B 491 -13.03 -17.09 4.97
C TYR B 491 -13.45 -17.06 3.50
N VAL B 492 -12.90 -16.10 2.75
CA VAL B 492 -13.13 -15.94 1.31
C VAL B 492 -11.76 -15.85 0.64
N GLU B 493 -11.67 -16.20 -0.64
CA GLU B 493 -10.39 -16.15 -1.34
C GLU B 493 -10.43 -15.37 -2.64
N THR B 494 -9.24 -15.02 -3.13
CA THR B 494 -9.10 -14.31 -4.40
C THR B 494 -8.85 -15.36 -5.47
N LEU B 495 -8.77 -14.92 -6.72
CA LEU B 495 -8.52 -15.85 -7.82
C LEU B 495 -7.18 -16.59 -7.67
N ASP B 496 -6.21 -15.96 -7.03
CA ASP B 496 -4.90 -16.59 -6.85
C ASP B 496 -4.80 -17.43 -5.57
N GLY B 497 -5.81 -17.33 -4.71
CA GLY B 497 -5.78 -18.14 -3.50
C GLY B 497 -5.60 -17.39 -2.20
N ARG B 498 -5.38 -16.09 -2.29
CA ARG B 498 -5.21 -15.24 -1.12
C ARG B 498 -6.49 -15.26 -0.27
N ARG B 499 -6.35 -15.36 1.05
CA ARG B 499 -7.52 -15.44 1.92
C ARG B 499 -7.70 -14.29 2.88
N LEU B 500 -8.97 -13.99 3.16
CA LEU B 500 -9.33 -12.98 4.14
C LEU B 500 -10.21 -13.73 5.12
N TYR B 501 -9.76 -13.83 6.37
CA TYR B 501 -10.52 -14.53 7.39
C TYR B 501 -11.54 -13.58 7.99
N LEU B 502 -12.78 -14.07 8.13
CA LEU B 502 -13.88 -13.29 8.68
C LEU B 502 -14.42 -13.89 9.98
N PRO B 503 -13.82 -13.50 11.12
CA PRO B 503 -14.23 -14.00 12.44
C PRO B 503 -15.61 -13.55 12.92
N ASP B 504 -16.12 -12.46 12.36
CA ASP B 504 -17.44 -11.95 12.76
C ASP B 504 -18.55 -12.34 11.79
N ILE B 505 -18.33 -13.38 10.99
CA ILE B 505 -19.32 -13.83 10.00
C ILE B 505 -20.55 -14.47 10.64
N LYS B 506 -20.36 -15.07 11.81
CA LYS B 506 -21.44 -15.71 12.57
C LYS B 506 -21.45 -15.06 13.95
N SER B 507 -21.01 -13.80 14.00
CA SER B 507 -20.88 -13.01 15.23
C SER B 507 -21.97 -13.01 16.29
N SER B 508 -23.24 -13.08 15.86
CA SER B 508 -24.41 -13.04 16.73
C SER B 508 -24.70 -11.56 17.06
N ASN B 509 -23.76 -10.70 16.68
CA ASN B 509 -23.87 -9.27 16.84
C ASN B 509 -24.42 -8.84 15.48
N GLY B 510 -25.34 -7.88 15.48
CA GLY B 510 -25.94 -7.42 14.23
C GLY B 510 -25.04 -6.68 13.25
N ALA B 511 -24.63 -5.47 13.62
CA ALA B 511 -23.77 -4.64 12.77
C ALA B 511 -22.37 -5.19 12.56
N ARG B 512 -21.85 -5.86 13.59
CA ARG B 512 -20.51 -6.45 13.54
C ARG B 512 -20.50 -7.59 12.52
N ARG B 513 -21.64 -8.25 12.36
CA ARG B 513 -21.78 -9.35 11.42
C ARG B 513 -22.07 -8.84 10.02
N ALA B 514 -22.67 -7.65 9.96
CA ALA B 514 -23.00 -7.01 8.68
C ALA B 514 -21.70 -6.61 7.99
N ALA B 515 -20.77 -6.11 8.79
CA ALA B 515 -19.46 -5.67 8.31
C ALA B 515 -18.72 -6.86 7.70
N ALA B 516 -18.80 -8.00 8.40
CA ALA B 516 -18.13 -9.22 7.95
C ALA B 516 -18.71 -9.75 6.65
N GLU B 517 -19.98 -9.47 6.41
CA GLU B 517 -20.63 -9.94 5.19
C GLU B 517 -20.30 -9.03 4.02
N ARG B 518 -20.11 -7.74 4.32
CA ARG B 518 -19.73 -6.78 3.29
C ARG B 518 -18.31 -7.10 2.85
N ALA B 519 -17.46 -7.38 3.84
CA ALA B 519 -16.06 -7.74 3.58
C ALA B 519 -15.98 -9.04 2.79
N ALA B 520 -16.98 -9.90 2.97
CA ALA B 520 -17.04 -11.17 2.27
C ALA B 520 -17.24 -10.97 0.78
N ILE B 521 -18.09 -10.03 0.41
CA ILE B 521 -18.37 -9.74 -0.99
C ILE B 521 -17.25 -8.91 -1.63
N ASN B 522 -16.72 -7.98 -0.86
CA ASN B 522 -15.67 -7.08 -1.31
C ASN B 522 -14.26 -7.67 -1.50
N ALA B 523 -13.72 -8.29 -0.45
CA ALA B 523 -12.38 -8.86 -0.47
C ALA B 523 -11.97 -9.64 -1.72
N PRO B 524 -12.83 -10.54 -2.24
CA PRO B 524 -12.44 -11.29 -3.44
C PRO B 524 -12.10 -10.43 -4.66
N MET B 525 -12.78 -9.30 -4.81
CA MET B 525 -12.53 -8.40 -5.96
C MET B 525 -11.34 -7.47 -5.71
N GLN B 526 -11.25 -6.96 -4.49
CA GLN B 526 -10.18 -6.06 -4.10
C GLN B 526 -8.84 -6.81 -4.01
N GLY B 527 -8.90 -8.00 -3.42
CA GLY B 527 -7.72 -8.83 -3.27
C GLY B 527 -7.21 -9.29 -4.62
N THR B 528 -8.13 -9.62 -5.53
CA THR B 528 -7.75 -10.05 -6.87
C THR B 528 -7.10 -8.88 -7.63
N ALA B 529 -7.60 -7.67 -7.42
CA ALA B 529 -7.04 -6.49 -8.06
C ALA B 529 -5.60 -6.37 -7.57
N ALA B 530 -5.44 -6.47 -6.24
CA ALA B 530 -4.14 -6.40 -5.59
C ALA B 530 -3.17 -7.45 -6.16
N ASP B 531 -3.61 -8.70 -6.27
CA ASP B 531 -2.77 -9.77 -6.79
C ASP B 531 -2.31 -9.45 -8.20
N ILE B 532 -3.23 -8.93 -9.01
CA ILE B 532 -2.92 -8.59 -10.41
C ILE B 532 -1.88 -7.49 -10.51
N ILE B 533 -2.06 -6.46 -9.68
CA ILE B 533 -1.13 -5.33 -9.66
C ILE B 533 0.28 -5.79 -9.26
N LYS B 534 0.36 -6.69 -8.27
CA LYS B 534 1.64 -7.21 -7.81
C LYS B 534 2.33 -8.05 -8.88
N ARG B 535 1.56 -8.85 -9.61
CA ARG B 535 2.10 -9.68 -10.69
C ARG B 535 2.64 -8.81 -11.83
N ALA B 536 1.98 -7.68 -12.09
CA ALA B 536 2.43 -6.77 -13.15
C ALA B 536 3.75 -6.11 -12.74
N MET B 537 3.85 -5.75 -11.46
CA MET B 537 5.06 -5.14 -10.93
C MET B 537 6.26 -6.08 -11.09
N ILE B 538 6.05 -7.34 -10.73
CA ILE B 538 7.10 -8.35 -10.84
C ILE B 538 7.48 -8.53 -12.32
N ALA B 539 6.47 -8.61 -13.20
CA ALA B 539 6.73 -8.79 -14.62
C ALA B 539 7.46 -7.60 -15.24
N VAL B 540 7.02 -6.38 -14.89
CA VAL B 540 7.66 -5.18 -15.43
C VAL B 540 9.07 -5.03 -14.86
N ASP B 541 9.24 -5.33 -13.57
CA ASP B 541 10.56 -5.23 -12.94
C ASP B 541 11.54 -6.24 -13.54
N ALA B 542 11.05 -7.43 -13.87
CA ALA B 542 11.88 -8.48 -14.44
C ALA B 542 12.43 -8.04 -15.79
N TRP B 543 11.58 -7.42 -16.60
CA TRP B 543 11.98 -6.91 -17.91
C TRP B 543 13.03 -5.79 -17.72
N LEU B 544 12.77 -4.91 -16.76
CA LEU B 544 13.66 -3.80 -16.44
C LEU B 544 15.06 -4.30 -16.08
N GLN B 545 15.13 -5.28 -15.19
CA GLN B 545 16.39 -5.84 -14.76
C GLN B 545 17.14 -6.55 -15.88
N ALA B 546 16.42 -7.30 -16.70
CA ALA B 546 17.02 -8.04 -17.80
C ALA B 546 17.45 -7.18 -18.99
N GLU B 547 16.55 -6.34 -19.51
CA GLU B 547 16.85 -5.51 -20.67
C GLU B 547 17.53 -4.17 -20.40
N GLN B 548 17.43 -3.66 -19.17
CA GLN B 548 18.07 -2.40 -18.79
C GLN B 548 17.72 -1.16 -19.62
N PRO B 549 16.44 -0.98 -19.99
CA PRO B 549 16.05 0.19 -20.78
C PRO B 549 16.16 1.47 -19.95
N ARG B 550 15.96 2.62 -20.58
CA ARG B 550 16.04 3.91 -19.86
C ARG B 550 14.72 4.25 -19.19
N VAL B 551 14.37 3.42 -18.20
CA VAL B 551 13.14 3.60 -17.46
C VAL B 551 13.24 3.11 -16.00
N ARG B 552 12.59 3.85 -15.09
CA ARG B 552 12.53 3.55 -13.66
C ARG B 552 11.07 3.43 -13.28
N MET B 553 10.74 2.52 -12.37
CA MET B 553 9.36 2.39 -11.88
C MET B 553 9.41 3.20 -10.58
N ILE B 554 8.67 4.30 -10.53
CA ILE B 554 8.72 5.17 -9.36
C ILE B 554 7.59 5.14 -8.36
N MET B 555 6.39 4.73 -8.77
CA MET B 555 5.26 4.68 -7.85
C MET B 555 4.24 3.59 -8.15
N GLN B 556 3.40 3.36 -7.16
CA GLN B 556 2.30 2.42 -7.25
C GLN B 556 1.24 3.06 -6.36
N VAL B 557 0.12 3.42 -6.96
CA VAL B 557 -0.97 4.04 -6.24
C VAL B 557 -2.26 3.56 -6.88
N HIS B 558 -3.15 3.02 -6.05
CA HIS B 558 -4.44 2.48 -6.52
C HIS B 558 -4.18 1.40 -7.59
N ASP B 559 -4.72 1.58 -8.80
CA ASP B 559 -4.52 0.60 -9.88
C ASP B 559 -3.53 1.03 -10.95
N GLU B 560 -2.63 1.95 -10.63
CA GLU B 560 -1.67 2.42 -11.61
C GLU B 560 -0.22 2.29 -11.16
N LEU B 561 0.66 2.19 -12.15
CA LEU B 561 2.10 2.11 -11.95
C LEU B 561 2.65 3.34 -12.66
N VAL B 562 3.51 4.10 -11.98
CA VAL B 562 4.09 5.30 -12.56
C VAL B 562 5.58 5.10 -12.83
N PHE B 563 6.03 5.57 -14.00
CA PHE B 563 7.42 5.44 -14.44
C PHE B 563 8.03 6.75 -14.91
N GLU B 564 9.35 6.72 -15.09
CA GLU B 564 10.12 7.84 -15.64
C GLU B 564 10.70 7.14 -16.86
N VAL B 565 10.42 7.69 -18.04
CA VAL B 565 10.90 7.09 -19.27
C VAL B 565 11.64 8.13 -20.09
N HIS B 566 12.72 7.73 -20.75
CA HIS B 566 13.47 8.68 -21.55
C HIS B 566 12.60 9.14 -22.72
N LYS B 567 12.59 10.46 -22.96
CA LYS B 567 11.78 11.07 -24.03
C LYS B 567 11.88 10.45 -25.42
N ASP B 568 13.08 9.99 -25.79
CA ASP B 568 13.27 9.39 -27.11
C ASP B 568 12.88 7.91 -27.14
N ASP B 569 12.49 7.37 -25.99
CA ASP B 569 12.12 5.95 -25.89
C ASP B 569 10.65 5.70 -25.56
N VAL B 570 9.91 6.76 -25.27
CA VAL B 570 8.49 6.68 -24.89
C VAL B 570 7.59 5.71 -25.66
N ASP B 571 7.66 5.75 -26.99
CA ASP B 571 6.81 4.89 -27.79
C ASP B 571 7.04 3.40 -27.63
N ALA B 572 8.26 2.95 -27.88
CA ALA B 572 8.58 1.53 -27.75
C ALA B 572 8.33 1.03 -26.32
N VAL B 573 8.69 1.85 -25.34
CA VAL B 573 8.51 1.51 -23.94
C VAL B 573 7.04 1.41 -23.54
N ALA B 574 6.21 2.28 -24.10
CA ALA B 574 4.78 2.29 -23.79
C ALA B 574 4.11 1.02 -24.29
N LYS B 575 4.51 0.59 -25.48
CA LYS B 575 3.99 -0.64 -26.09
C LYS B 575 4.33 -1.81 -25.18
N GLN B 576 5.55 -1.77 -24.66
CA GLN B 576 6.07 -2.81 -23.79
C GLN B 576 5.41 -2.90 -22.41
N ILE B 577 5.28 -1.78 -21.70
CA ILE B 577 4.66 -1.75 -20.38
C ILE B 577 3.26 -2.29 -20.55
N HIS B 578 2.60 -1.79 -21.59
CA HIS B 578 1.24 -2.15 -21.93
C HIS B 578 1.06 -3.66 -22.13
N GLN B 579 1.95 -4.28 -22.90
CA GLN B 579 1.84 -5.70 -23.12
C GLN B 579 2.11 -6.52 -21.86
N LEU B 580 3.10 -6.10 -21.09
CA LEU B 580 3.44 -6.78 -19.84
C LEU B 580 2.29 -6.79 -18.84
N MET B 581 1.64 -5.63 -18.71
CA MET B 581 0.55 -5.48 -17.75
C MET B 581 -0.77 -6.17 -18.06
N GLU B 582 -1.20 -6.18 -19.32
CA GLU B 582 -2.46 -6.83 -19.64
C GLU B 582 -2.34 -8.18 -20.35
N ASN B 583 -1.14 -8.72 -20.42
CA ASN B 583 -0.90 -10.02 -21.08
C ASN B 583 0.00 -10.97 -20.29
N CYS B 584 0.75 -10.44 -19.33
CA CYS B 584 1.66 -11.27 -18.54
C CYS B 584 1.28 -11.35 -17.06
N THR B 585 -0.03 -11.34 -16.82
CA THR B 585 -0.59 -11.44 -15.48
C THR B 585 -1.64 -12.55 -15.58
N ARG B 586 -2.88 -12.30 -15.17
CA ARG B 586 -3.93 -13.30 -15.28
C ARG B 586 -4.58 -13.22 -16.67
N LEU B 587 -4.83 -14.39 -17.26
CA LEU B 587 -5.42 -14.46 -18.59
C LEU B 587 -6.92 -14.73 -18.56
N ASP B 588 -7.50 -14.74 -17.38
CA ASP B 588 -8.93 -15.01 -17.23
C ASP B 588 -9.82 -13.78 -17.14
N VAL B 589 -9.36 -12.76 -16.42
CA VAL B 589 -10.12 -11.52 -16.29
C VAL B 589 -9.85 -10.65 -17.52
N PRO B 590 -10.91 -10.02 -18.10
CA PRO B 590 -10.73 -9.16 -19.29
C PRO B 590 -10.12 -7.81 -18.86
N LEU B 591 -8.80 -7.72 -18.98
CA LEU B 591 -8.05 -6.54 -18.55
C LEU B 591 -7.77 -5.50 -19.64
N LEU B 592 -7.73 -4.24 -19.21
CA LEU B 592 -7.45 -3.10 -20.10
C LEU B 592 -6.51 -2.13 -19.38
N VAL B 593 -5.39 -1.83 -20.03
CA VAL B 593 -4.42 -0.91 -19.47
C VAL B 593 -4.37 0.38 -20.31
N GLU B 594 -4.58 1.51 -19.64
CA GLU B 594 -4.57 2.83 -20.25
C GLU B 594 -3.20 3.44 -19.93
N VAL B 595 -2.41 3.73 -20.96
CA VAL B 595 -1.08 4.32 -20.78
C VAL B 595 -1.03 5.77 -21.29
N GLY B 596 -0.50 6.66 -20.46
CA GLY B 596 -0.37 8.07 -20.81
C GLY B 596 0.96 8.65 -20.36
N SER B 597 1.31 9.84 -20.86
CA SER B 597 2.57 10.48 -20.50
C SER B 597 2.51 12.01 -20.47
N GLY B 598 3.54 12.62 -19.91
CA GLY B 598 3.61 14.07 -19.81
C GLY B 598 4.83 14.56 -19.06
N GLU B 599 4.87 15.86 -18.77
CA GLU B 599 5.98 16.47 -18.05
C GLU B 599 5.93 16.21 -16.56
N ASN B 600 4.73 15.94 -16.06
CA ASN B 600 4.53 15.65 -14.65
C ASN B 600 3.45 14.58 -14.49
N TRP B 601 3.29 14.10 -13.26
CA TRP B 601 2.31 13.06 -12.95
C TRP B 601 0.90 13.47 -13.37
N ASP B 602 0.52 14.73 -13.17
CA ASP B 602 -0.81 15.16 -13.56
C ASP B 602 -1.03 15.07 -15.08
N GLN B 603 0.00 15.39 -15.86
CA GLN B 603 -0.10 15.32 -17.32
C GLN B 603 -0.28 13.89 -17.82
N ALA B 604 0.44 12.94 -17.21
CA ALA B 604 0.36 11.54 -17.63
C ALA B 604 -0.88 10.85 -17.10
N HIS B 605 -1.39 11.34 -15.96
CA HIS B 605 -2.57 10.80 -15.28
C HIS B 605 -3.85 10.95 -16.08
ZN ZN C . 18.01 -6.64 13.82
ZN ZN D . 15.76 -7.05 10.17
ZN ZN E . -3.94 -4.04 -25.46
ZN ZN F . -9.31 0.78 -7.98
MG MG G . -22.77 -3.85 -13.27
#